data_6KGW
#
_entry.id   6KGW
#
_cell.length_a   97.246
_cell.length_b   84.219
_cell.length_c   90.527
_cell.angle_alpha   90.000
_cell.angle_beta   111.310
_cell.angle_gamma   90.000
#
_symmetry.space_group_name_H-M   'C 1 2 1'
#
loop_
_entity.id
_entity.type
_entity.pdbx_description
1 polymer 'Penicillin-binding protein PbpB'
2 non-polymer 'COBALT (II) ION'
3 non-polymer '(2R,4S)-2-[(1R)-1-{[(2R)-2-amino-2-phenylacetyl]amino}-2-oxoethyl]-5,5-dimethyl-1,3-thiazolidine-4-carboxylic acid'
4 water water
#
_entity_poly.entity_id   1
_entity_poly.type   'polypeptide(L)'
_entity_poly.pdbx_seq_one_letter_code
;GPLGSGQLKVTDVQPAARGSIVDRNNDRLAFTIEARALTFQPKRIRRQLEEARKKTSAAPDPQQRLRDIAQEVAGKLNNK
PDAAAVLKKLQSDETFVYLARAVDPAVASAICAKYPEVGAERQDLRQYPGGSLAANVVGGIDWDGHGLLGLEDSLDAVLA
GTDGSVTYDRGSDGVVIPGSYRNRHKAVHGSTVVLTLDNDIQFYVQQQVQQAKNLSGAHNVSAVVLDAKTGEVLAMANDN
TFDPSQDIGRQGDKQLGNPAVSSPFEPGSVNKIVAASAVIEHGLSSPDEVLQVPGSIQMGGVTVHDAWEHGVMPYTTTGV
FGKSSNVGTLMLSQRVGPERYYDMLRKFGLGQRTGVGLPGESAGLVPPIDQWSGSTFANLPIGQGLSMTLLQMTGMYQAI
ANDGVRVPPRIIKATVAPDGSRTEEPRPDDIRVVSAQTAQTVRQMLRAVVQRDPMGYQQGTGPTAGVPGYQMAGKTGTAQ
QINPGCGCYFDDVYWITFAGIATADNPRYVIGIMLDNPARNSDGAPGHSAAPLFHNIAGWLMQRENVPLSPDPGPPLVLQ
AT
;
_entity_poly.pdbx_strand_id   A
#
loop_
_chem_comp.id
_chem_comp.type
_chem_comp.name
_chem_comp.formula
AIX non-polymer '(2R,4S)-2-[(1R)-1-{[(2R)-2-amino-2-phenylacetyl]amino}-2-oxoethyl]-5,5-dimethyl-1,3-thiazolidine-4-carboxylic acid' 'C16 H21 N3 O4 S'
CO non-polymer 'COBALT (II) ION' 'Co 2'
#
# COMPACT_ATOMS: atom_id res chain seq x y z
N ASP A 12 -46.75 -12.56 11.46
CA ASP A 12 -46.08 -12.69 12.75
C ASP A 12 -44.65 -12.08 12.76
N VAL A 13 -43.88 -12.22 11.65
CA VAL A 13 -42.49 -11.76 11.62
C VAL A 13 -42.39 -10.35 11.05
N GLN A 14 -41.56 -9.53 11.68
CA GLN A 14 -41.29 -8.16 11.26
C GLN A 14 -39.85 -8.04 10.81
N PRO A 15 -39.58 -7.93 9.51
CA PRO A 15 -38.19 -8.06 9.02
C PRO A 15 -37.33 -6.84 9.25
N ALA A 16 -36.08 -7.08 9.65
CA ALA A 16 -35.07 -6.03 9.67
C ALA A 16 -34.72 -5.63 8.24
N ALA A 17 -34.56 -4.33 8.03
CA ALA A 17 -34.16 -3.82 6.73
C ALA A 17 -32.64 -3.69 6.68
N ARG A 18 -32.01 -4.39 5.73
CA ARG A 18 -30.54 -4.41 5.69
C ARG A 18 -29.98 -3.00 5.61
N GLY A 19 -28.94 -2.75 6.39
CA GLY A 19 -28.24 -1.48 6.29
C GLY A 19 -27.50 -1.31 4.96
N SER A 20 -27.06 -0.10 4.71
CA SER A 20 -26.30 0.17 3.51
C SER A 20 -24.84 0.40 3.86
N ILE A 21 -23.99 0.26 2.85
CA ILE A 21 -22.57 0.60 2.94
C ILE A 21 -22.35 1.81 2.07
N VAL A 22 -21.82 2.89 2.67
CA VAL A 22 -21.59 4.16 2.00
C VAL A 22 -20.13 4.56 2.19
N ASP A 23 -19.67 5.50 1.36
CA ASP A 23 -18.31 6.00 1.49
C ASP A 23 -18.28 7.13 2.53
N ARG A 24 -17.12 7.80 2.65
CA ARG A 24 -16.93 8.79 3.71
C ARG A 24 -17.81 10.02 3.53
N ASN A 25 -18.31 10.28 2.33
CA ASN A 25 -19.25 11.36 2.08
C ASN A 25 -20.67 10.84 1.94
N ASN A 26 -20.95 9.66 2.48
CA ASN A 26 -22.27 9.04 2.44
C ASN A 26 -22.74 8.76 1.02
N ASP A 27 -21.82 8.60 0.08
CA ASP A 27 -22.18 8.13 -1.25
C ASP A 27 -22.36 6.63 -1.21
N ARG A 28 -23.49 6.15 -1.72
CA ARG A 28 -23.87 4.76 -1.49
C ARG A 28 -23.10 3.80 -2.38
N LEU A 29 -22.54 2.76 -1.74
CA LEU A 29 -21.95 1.62 -2.42
C LEU A 29 -22.90 0.43 -2.49
N ALA A 30 -23.62 0.11 -1.43
CA ALA A 30 -24.59 -0.98 -1.46
C ALA A 30 -25.79 -0.57 -0.63
N PHE A 31 -26.99 -0.89 -1.12
CA PHE A 31 -28.22 -0.55 -0.42
C PHE A 31 -29.35 -1.42 -0.92
N THR A 32 -30.37 -1.59 -0.08
CA THR A 32 -31.46 -2.51 -0.37
C THR A 32 -32.71 -1.75 -0.79
N ILE A 33 -33.42 -2.28 -1.79
CA ILE A 33 -34.76 -1.81 -2.14
C ILE A 33 -35.73 -2.94 -1.93
N GLU A 34 -36.97 -2.59 -1.61
CA GLU A 34 -38.03 -3.55 -1.38
C GLU A 34 -38.65 -3.98 -2.71
N ALA A 35 -38.88 -5.28 -2.88
CA ALA A 35 -39.47 -5.72 -4.15
C ALA A 35 -40.33 -6.96 -3.91
N ARG A 36 -40.59 -7.71 -4.98
CA ARG A 36 -41.66 -8.70 -5.05
C ARG A 36 -41.17 -9.96 -5.73
N ALA A 37 -41.86 -11.06 -5.44
CA ALA A 37 -41.61 -12.35 -6.09
C ALA A 37 -42.91 -13.01 -6.54
N ALA A 120 -42.03 -17.01 -0.20
CA ALA A 120 -42.34 -15.66 0.28
C ALA A 120 -42.66 -14.75 -0.91
N GLU A 121 -43.21 -13.57 -0.63
CA GLU A 121 -43.59 -12.63 -1.67
C GLU A 121 -42.76 -11.35 -1.63
N ARG A 122 -42.62 -10.72 -0.46
CA ARG A 122 -41.73 -9.57 -0.34
C ARG A 122 -40.28 -10.02 -0.42
N GLN A 123 -39.52 -9.34 -1.28
CA GLN A 123 -38.17 -9.75 -1.61
C GLN A 123 -37.31 -8.51 -1.72
N ASP A 124 -36.30 -8.40 -0.86
CA ASP A 124 -35.43 -7.23 -0.86
C ASP A 124 -34.27 -7.44 -1.82
N LEU A 125 -33.99 -6.43 -2.64
CA LEU A 125 -32.93 -6.50 -3.63
C LEU A 125 -31.73 -5.68 -3.18
N ARG A 126 -30.56 -6.28 -3.20
CA ARG A 126 -29.32 -5.56 -2.97
C ARG A 126 -28.94 -4.80 -4.24
N GLN A 127 -28.72 -3.49 -4.10
CA GLN A 127 -28.37 -2.60 -5.20
C GLN A 127 -26.91 -2.21 -5.08
N TYR A 128 -26.18 -2.29 -6.19
CA TYR A 128 -24.77 -1.89 -6.23
C TYR A 128 -24.60 -0.86 -7.33
N PRO A 129 -24.90 0.40 -7.05
CA PRO A 129 -24.89 1.42 -8.12
C PRO A 129 -23.56 1.53 -8.86
N GLY A 130 -22.43 1.38 -8.19
CA GLY A 130 -21.14 1.50 -8.83
C GLY A 130 -20.67 0.22 -9.47
N GLY A 131 -21.52 -0.80 -9.51
CA GLY A 131 -21.12 -2.09 -10.00
C GLY A 131 -19.87 -2.60 -9.33
N SER A 132 -18.76 -2.64 -10.05
CA SER A 132 -17.53 -3.22 -9.53
C SER A 132 -16.78 -2.28 -8.59
N LEU A 133 -17.22 -1.04 -8.43
CA LEU A 133 -16.46 -0.05 -7.67
C LEU A 133 -16.22 -0.53 -6.24
N ALA A 134 -14.95 -0.67 -5.87
CA ALA A 134 -14.58 -1.11 -4.52
C ALA A 134 -15.27 -2.43 -4.14
N ALA A 135 -15.66 -3.25 -5.12
CA ALA A 135 -16.26 -4.54 -4.78
C ALA A 135 -15.27 -5.46 -4.09
N ASN A 136 -13.97 -5.26 -4.31
CA ASN A 136 -12.98 -6.05 -3.57
C ASN A 136 -13.16 -5.87 -2.07
N VAL A 137 -13.58 -4.67 -1.64
CA VAL A 137 -13.80 -4.36 -0.24
C VAL A 137 -15.24 -4.65 0.17
N VAL A 138 -16.19 -4.23 -0.65
CA VAL A 138 -17.60 -4.26 -0.28
C VAL A 138 -18.12 -5.69 -0.20
N GLY A 139 -17.75 -6.52 -1.18
CA GLY A 139 -18.28 -7.87 -1.26
C GLY A 139 -19.57 -7.97 -2.06
N GLY A 140 -20.42 -8.93 -1.70
CA GLY A 140 -21.70 -9.15 -2.36
C GLY A 140 -22.63 -9.98 -1.50
N ILE A 141 -23.88 -10.04 -1.94
CA ILE A 141 -25.00 -10.62 -1.22
C ILE A 141 -25.21 -12.08 -1.60
N ASP A 142 -25.75 -12.88 -0.66
CA ASP A 142 -26.15 -14.24 -0.96
C ASP A 142 -27.62 -14.28 -1.34
N TRP A 143 -28.15 -15.48 -1.54
CA TRP A 143 -29.54 -15.64 -1.98
C TRP A 143 -30.51 -15.09 -0.95
N ASP A 144 -30.24 -15.29 0.34
CA ASP A 144 -31.13 -14.91 1.42
C ASP A 144 -30.94 -13.47 1.86
N GLY A 145 -30.24 -12.65 1.08
CA GLY A 145 -30.02 -11.27 1.43
C GLY A 145 -29.00 -11.02 2.53
N HIS A 146 -28.34 -12.06 3.02
CA HIS A 146 -27.18 -11.88 3.91
C HIS A 146 -25.90 -11.84 3.09
N GLY A 147 -24.84 -11.32 3.71
CA GLY A 147 -23.58 -11.18 3.00
C GLY A 147 -23.04 -12.53 2.56
N LEU A 148 -22.44 -12.55 1.38
CA LEU A 148 -21.75 -13.73 0.89
C LEU A 148 -20.24 -13.63 1.01
N LEU A 149 -19.69 -12.44 0.82
CA LEU A 149 -18.26 -12.22 0.92
C LEU A 149 -18.01 -10.72 1.08
N GLY A 150 -16.75 -10.37 1.37
CA GLY A 150 -16.46 -8.97 1.63
C GLY A 150 -17.06 -8.46 2.94
N LEU A 151 -17.18 -7.12 3.04
CA LEU A 151 -17.77 -6.53 4.24
C LEU A 151 -19.25 -6.87 4.38
N GLU A 152 -19.95 -7.18 3.27
CA GLU A 152 -21.34 -7.60 3.39
C GLU A 152 -21.45 -8.80 4.31
N ASP A 153 -20.39 -9.61 4.38
CA ASP A 153 -20.41 -10.84 5.17
C ASP A 153 -19.69 -10.68 6.50
N SER A 154 -18.53 -10.04 6.52
CA SER A 154 -17.81 -9.84 7.77
C SER A 154 -18.55 -8.91 8.70
N LEU A 155 -19.29 -7.94 8.16
CA LEU A 155 -20.13 -7.03 8.94
C LEU A 155 -21.61 -7.35 8.81
N ASP A 156 -21.95 -8.62 8.57
CA ASP A 156 -23.33 -8.96 8.32
C ASP A 156 -24.21 -8.62 9.52
N ALA A 157 -23.75 -9.00 10.72
CA ALA A 157 -24.54 -8.79 11.92
C ALA A 157 -24.90 -7.32 12.10
N VAL A 158 -23.94 -6.44 11.83
CA VAL A 158 -24.20 -5.00 11.91
C VAL A 158 -25.20 -4.59 10.83
N LEU A 159 -25.03 -5.13 9.61
CA LEU A 159 -25.82 -4.71 8.46
C LEU A 159 -27.19 -5.36 8.43
N ALA A 160 -27.30 -6.59 8.94
CA ALA A 160 -28.58 -7.31 8.81
C ALA A 160 -29.56 -6.99 9.93
N GLY A 161 -29.10 -6.48 11.07
CA GLY A 161 -30.01 -6.29 12.17
C GLY A 161 -30.62 -7.60 12.65
N THR A 162 -31.73 -7.47 13.37
CA THR A 162 -32.43 -8.61 13.95
C THR A 162 -33.91 -8.47 13.69
N ASP A 163 -34.54 -9.55 13.22
CA ASP A 163 -35.95 -9.51 12.87
C ASP A 163 -36.84 -9.43 14.11
N GLY A 164 -37.92 -8.66 14.01
CA GLY A 164 -38.87 -8.50 15.09
C GLY A 164 -39.97 -9.55 15.04
N SER A 165 -40.97 -9.36 15.92
CA SER A 165 -42.00 -10.36 16.12
C SER A 165 -43.18 -9.74 16.87
N VAL A 166 -44.40 -10.11 16.45
CA VAL A 166 -45.61 -9.76 17.20
C VAL A 166 -46.65 -10.87 17.06
N ARG A 184 -43.90 -9.44 22.29
CA ARG A 184 -43.64 -8.44 21.25
C ARG A 184 -42.22 -7.85 21.29
N HIS A 185 -41.48 -8.05 20.20
CA HIS A 185 -40.10 -7.58 20.07
C HIS A 185 -39.98 -6.76 18.80
N LYS A 186 -39.48 -5.53 18.95
CA LYS A 186 -39.34 -4.63 17.82
C LYS A 186 -38.18 -5.07 16.91
N ALA A 187 -38.39 -4.92 15.61
CA ALA A 187 -37.32 -5.20 14.67
C ALA A 187 -36.21 -4.16 14.82
N VAL A 188 -34.97 -4.64 14.82
CA VAL A 188 -33.79 -3.79 14.82
C VAL A 188 -33.28 -3.75 13.38
N HIS A 189 -33.52 -2.62 12.70
CA HIS A 189 -33.05 -2.50 11.33
C HIS A 189 -31.53 -2.38 11.31
N GLY A 190 -30.94 -2.76 10.17
CA GLY A 190 -29.50 -2.80 10.08
C GLY A 190 -28.89 -1.42 10.16
N SER A 191 -27.72 -1.35 10.78
CA SER A 191 -27.04 -0.06 10.82
C SER A 191 -26.29 0.17 9.51
N THR A 192 -26.04 1.44 9.22
CA THR A 192 -25.29 1.81 8.03
C THR A 192 -23.81 1.86 8.36
N VAL A 193 -22.99 1.36 7.44
CA VAL A 193 -21.54 1.32 7.62
C VAL A 193 -20.94 2.39 6.72
N VAL A 194 -20.21 3.33 7.34
CA VAL A 194 -19.51 4.40 6.63
C VAL A 194 -18.05 4.00 6.46
N LEU A 195 -17.60 3.82 5.24
CA LEU A 195 -16.20 3.50 5.00
C LEU A 195 -15.35 4.76 4.92
N THR A 196 -14.05 4.58 5.14
CA THR A 196 -13.12 5.68 4.90
C THR A 196 -12.89 5.94 3.41
N LEU A 197 -13.30 5.02 2.55
CA LEU A 197 -13.12 5.20 1.11
C LEU A 197 -13.75 6.51 0.62
N ASP A 198 -13.06 7.16 -0.30
CA ASP A 198 -13.61 8.27 -1.08
C ASP A 198 -13.90 7.72 -2.48
N ASN A 199 -15.18 7.66 -2.85
CA ASN A 199 -15.60 7.03 -4.10
C ASN A 199 -14.91 7.64 -5.31
N ASP A 200 -14.78 8.96 -5.35
CA ASP A 200 -14.10 9.62 -6.47
C ASP A 200 -12.65 9.13 -6.58
N ILE A 201 -11.93 9.08 -5.46
CA ILE A 201 -10.55 8.61 -5.51
C ILE A 201 -10.50 7.13 -5.86
N GLN A 202 -11.39 6.33 -5.25
CA GLN A 202 -11.41 4.89 -5.52
C GLN A 202 -11.67 4.61 -6.99
N PHE A 203 -12.61 5.37 -7.59
CA PHE A 203 -12.96 5.16 -9.00
C PHE A 203 -11.79 5.46 -9.91
N TYR A 204 -11.15 6.60 -9.70
CA TYR A 204 -9.98 6.94 -10.49
C TYR A 204 -8.87 5.91 -10.31
N VAL A 205 -8.61 5.51 -9.06
CA VAL A 205 -7.54 4.57 -8.81
C VAL A 205 -7.86 3.21 -9.41
N GLN A 206 -9.09 2.72 -9.17
CA GLN A 206 -9.46 1.39 -9.66
C GLN A 206 -9.34 1.32 -11.19
N GLN A 207 -9.69 2.40 -11.88
CA GLN A 207 -9.58 2.44 -13.34
C GLN A 207 -8.11 2.43 -13.78
N GLN A 208 -7.30 3.31 -13.20
CA GLN A 208 -5.86 3.32 -13.49
C GLN A 208 -5.24 1.96 -13.22
N VAL A 209 -5.68 1.28 -12.16
CA VAL A 209 -5.08 -0.02 -11.85
C VAL A 209 -5.43 -1.03 -12.93
N GLN A 210 -6.66 -0.98 -13.43
CA GLN A 210 -7.07 -1.88 -14.49
C GLN A 210 -6.26 -1.62 -15.78
N GLN A 211 -6.06 -0.35 -16.12
CA GLN A 211 -5.34 -0.07 -17.34
C GLN A 211 -3.83 -0.15 -17.15
N ALA A 212 -3.33 -0.06 -15.92
CA ALA A 212 -1.93 -0.39 -15.67
C ALA A 212 -1.69 -1.88 -15.91
N LYS A 213 -2.62 -2.73 -15.47
CA LYS A 213 -2.52 -4.15 -15.75
C LYS A 213 -2.58 -4.43 -17.25
N ASN A 214 -3.52 -3.78 -17.96
CA ASN A 214 -3.63 -3.97 -19.40
C ASN A 214 -2.35 -3.52 -20.12
N LEU A 215 -1.88 -2.30 -19.83
CA LEU A 215 -0.74 -1.73 -20.54
C LEU A 215 0.56 -2.46 -20.23
N SER A 216 0.71 -3.02 -19.02
CA SER A 216 2.01 -3.56 -18.60
C SER A 216 2.11 -5.07 -18.76
N GLY A 217 0.99 -5.78 -18.95
CA GLY A 217 1.09 -7.23 -19.06
C GLY A 217 1.29 -7.95 -17.75
N ALA A 218 1.13 -7.27 -16.63
CA ALA A 218 1.24 -7.92 -15.32
C ALA A 218 0.14 -8.96 -15.12
N HIS A 219 0.41 -9.93 -14.27
CA HIS A 219 -0.62 -10.90 -13.90
C HIS A 219 -1.69 -10.24 -13.02
N ASN A 220 -1.27 -9.31 -12.16
CA ASN A 220 -2.18 -8.55 -11.29
C ASN A 220 -1.58 -7.18 -11.09
N VAL A 221 -2.40 -6.27 -10.60
CA VAL A 221 -1.98 -4.92 -10.25
C VAL A 221 -2.86 -4.49 -9.08
N SER A 222 -2.25 -3.91 -8.05
CA SER A 222 -3.06 -3.40 -6.95
C SER A 222 -2.45 -2.09 -6.45
N ALA A 223 -3.25 -1.35 -5.69
CA ALA A 223 -2.93 0.01 -5.29
C ALA A 223 -3.75 0.39 -4.07
N VAL A 224 -3.09 1.10 -3.16
CA VAL A 224 -3.70 1.55 -1.93
C VAL A 224 -3.36 3.01 -1.73
N VAL A 225 -4.33 3.80 -1.30
CA VAL A 225 -4.10 5.21 -1.03
C VAL A 225 -4.49 5.49 0.41
N LEU A 226 -3.54 5.98 1.18
CA LEU A 226 -3.81 6.28 2.58
C LEU A 226 -3.78 7.78 2.78
N ASP A 227 -4.66 8.27 3.63
CA ASP A 227 -4.48 9.61 4.16
C ASP A 227 -3.21 9.63 5.00
N ALA A 228 -2.34 10.59 4.71
CA ALA A 228 -1.02 10.61 5.33
C ALA A 228 -1.09 10.70 6.86
N LYS A 229 -1.91 11.61 7.39
CA LYS A 229 -1.86 11.83 8.84
C LYS A 229 -2.62 10.78 9.60
N THR A 230 -3.71 10.29 9.02
CA THR A 230 -4.66 9.50 9.78
C THR A 230 -4.60 8.01 9.48
N GLY A 231 -3.92 7.59 8.41
CA GLY A 231 -3.90 6.19 8.00
C GLY A 231 -5.18 5.65 7.39
N GLU A 232 -6.22 6.46 7.22
CA GLU A 232 -7.46 5.94 6.65
C GLU A 232 -7.23 5.46 5.22
N VAL A 233 -8.02 4.48 4.80
CA VAL A 233 -7.90 3.91 3.46
C VAL A 233 -8.81 4.72 2.55
N LEU A 234 -8.22 5.60 1.74
CA LEU A 234 -9.02 6.39 0.80
C LEU A 234 -9.31 5.63 -0.49
N ALA A 235 -8.43 4.71 -0.88
CA ALA A 235 -8.73 3.83 -2.01
C ALA A 235 -7.95 2.55 -1.83
N MET A 236 -8.56 1.45 -2.27
CA MET A 236 -7.94 0.13 -2.22
C MET A 236 -8.47 -0.59 -3.45
N ALA A 237 -7.60 -0.92 -4.41
CA ALA A 237 -8.07 -1.44 -5.68
C ALA A 237 -7.15 -2.51 -6.24
N ASN A 238 -7.74 -3.44 -6.98
CA ASN A 238 -7.01 -4.43 -7.76
C ASN A 238 -7.67 -4.49 -9.12
N ASP A 239 -6.93 -4.97 -10.11
CA ASP A 239 -7.51 -5.18 -11.42
C ASP A 239 -8.50 -6.34 -11.37
N ASN A 240 -9.35 -6.41 -12.40
CA ASN A 240 -10.15 -7.60 -12.68
C ASN A 240 -11.26 -7.80 -11.64
N THR A 241 -11.73 -6.70 -11.03
CA THR A 241 -12.65 -6.78 -9.91
C THR A 241 -14.03 -7.27 -10.33
N PHE A 242 -14.52 -8.29 -9.65
CA PHE A 242 -15.83 -8.82 -9.96
C PHE A 242 -16.92 -7.76 -9.75
N ASP A 243 -18.10 -8.07 -10.30
CA ASP A 243 -19.28 -7.21 -10.24
C ASP A 243 -20.31 -7.85 -9.33
N PRO A 244 -20.54 -7.31 -8.12
CA PRO A 244 -21.45 -7.96 -7.18
C PRO A 244 -22.91 -7.87 -7.56
N SER A 245 -23.28 -7.13 -8.60
CA SER A 245 -24.67 -7.15 -9.07
C SER A 245 -24.95 -8.34 -9.97
N GLN A 246 -23.96 -9.20 -10.19
CA GLN A 246 -24.09 -10.34 -11.07
C GLN A 246 -23.73 -11.61 -10.31
N ASP A 247 -24.34 -12.70 -10.74
CA ASP A 247 -24.12 -14.03 -10.21
C ASP A 247 -22.62 -14.31 -10.09
N ILE A 248 -22.17 -14.57 -8.87
CA ILE A 248 -20.77 -14.84 -8.61
C ILE A 248 -20.27 -16.07 -9.36
N GLY A 249 -21.13 -17.09 -9.52
CA GLY A 249 -20.72 -18.33 -10.14
C GLY A 249 -20.41 -18.21 -11.62
N ARG A 250 -20.85 -17.14 -12.25
CA ARG A 250 -20.47 -16.84 -13.63
C ARG A 250 -19.19 -16.01 -13.71
N GLN A 251 -18.50 -15.78 -12.60
CA GLN A 251 -17.39 -14.84 -12.57
C GLN A 251 -16.13 -15.51 -12.05
N GLY A 252 -15.93 -16.79 -12.38
CA GLY A 252 -14.70 -17.49 -12.03
C GLY A 252 -13.47 -16.87 -12.66
N ASP A 253 -13.63 -16.14 -13.75
CA ASP A 253 -12.48 -15.48 -14.35
C ASP A 253 -12.21 -14.12 -13.74
N LYS A 254 -12.93 -13.76 -12.67
CA LYS A 254 -12.80 -12.47 -12.01
C LYS A 254 -12.05 -12.58 -10.69
N GLN A 255 -11.54 -11.45 -10.22
CA GLN A 255 -10.99 -11.35 -8.88
C GLN A 255 -12.14 -11.08 -7.92
N LEU A 256 -12.43 -12.06 -7.06
CA LEU A 256 -13.55 -11.98 -6.13
C LEU A 256 -13.14 -11.46 -4.76
N GLY A 257 -11.84 -11.30 -4.52
CA GLY A 257 -11.36 -11.00 -3.19
C GLY A 257 -10.62 -9.68 -3.12
N ASN A 258 -9.62 -9.60 -2.26
CA ASN A 258 -8.97 -8.33 -1.90
C ASN A 258 -7.48 -8.56 -1.71
N PRO A 259 -6.74 -8.81 -2.80
CA PRO A 259 -5.32 -9.16 -2.67
C PRO A 259 -4.49 -8.13 -1.91
N ALA A 260 -4.86 -6.85 -1.97
CA ALA A 260 -4.16 -5.80 -1.23
C ALA A 260 -4.04 -6.08 0.27
N VAL A 261 -4.98 -6.83 0.85
CA VAL A 261 -4.84 -7.25 2.24
C VAL A 261 -4.60 -8.75 2.41
N SER A 262 -4.89 -9.57 1.40
CA SER A 262 -4.88 -11.03 1.60
C SER A 262 -3.63 -11.74 1.07
N SER A 263 -2.80 -11.08 0.27
CA SER A 263 -1.82 -11.78 -0.57
C SER A 263 -0.48 -11.10 -0.43
N PRO A 264 0.37 -11.58 0.46
CA PRO A 264 1.66 -10.92 0.66
C PRO A 264 2.66 -11.34 -0.41
N PHE A 265 3.68 -10.52 -0.55
CA PHE A 265 4.73 -10.72 -1.53
C PHE A 265 6.03 -10.30 -0.86
N GLU A 266 7.16 -10.69 -1.47
CA GLU A 266 8.41 -10.14 -0.97
C GLU A 266 8.59 -8.74 -1.55
N PRO A 267 8.92 -7.74 -0.73
CA PRO A 267 8.87 -6.35 -1.20
C PRO A 267 10.11 -5.90 -1.98
N GLY A 268 11.24 -6.59 -1.86
CA GLY A 268 12.45 -6.07 -2.46
C GLY A 268 12.76 -4.66 -1.96
N SER A 269 13.18 -3.80 -2.89
CA SER A 269 13.78 -2.52 -2.54
C SER A 269 12.84 -1.49 -1.90
N VAL A 270 11.51 -1.62 -2.01
CA VAL A 270 10.71 -0.68 -1.24
C VAL A 270 10.95 -0.85 0.25
N ASN A 271 11.40 -2.03 0.67
CA ASN A 271 11.73 -2.22 2.08
C ASN A 271 12.89 -1.34 2.55
N LYS A 272 13.62 -0.68 1.65
CA LYS A 272 14.81 0.02 2.10
C LYS A 272 14.48 1.23 2.97
N ILE A 273 13.22 1.64 3.06
CA ILE A 273 12.82 2.64 4.05
C ILE A 273 13.21 2.23 5.47
N VAL A 274 13.18 0.94 5.79
CA VAL A 274 13.50 0.53 7.17
C VAL A 274 14.95 0.87 7.50
N ALA A 275 15.89 0.33 6.71
CA ALA A 275 17.31 0.66 6.84
C ALA A 275 17.54 2.16 6.84
N ALA A 276 16.91 2.88 5.92
CA ALA A 276 17.13 4.32 5.85
C ALA A 276 16.66 5.00 7.13
N SER A 277 15.49 4.59 7.63
CA SER A 277 14.97 5.15 8.86
C SER A 277 15.85 4.81 10.04
N ALA A 278 16.43 3.61 10.05
CA ALA A 278 17.26 3.19 11.17
C ALA A 278 18.61 3.91 11.17
N VAL A 279 19.26 4.07 10.00
CA VAL A 279 20.57 4.77 10.03
C VAL A 279 20.40 6.22 10.42
N ILE A 280 19.27 6.85 10.07
CA ILE A 280 19.08 8.25 10.46
C ILE A 280 18.70 8.34 11.93
N GLU A 281 17.65 7.60 12.34
CA GLU A 281 17.16 7.69 13.72
C GLU A 281 18.27 7.43 14.73
N HIS A 282 19.16 6.47 14.46
CA HIS A 282 20.22 6.14 15.40
C HIS A 282 21.51 6.92 15.17
N GLY A 283 21.43 8.08 14.49
CA GLY A 283 22.59 8.94 14.33
C GLY A 283 23.75 8.29 13.61
N LEU A 284 23.49 7.23 12.84
CA LEU A 284 24.54 6.42 12.26
C LEU A 284 24.97 6.87 10.88
N SER A 285 24.25 7.82 10.28
CA SER A 285 24.61 8.39 8.99
C SER A 285 23.71 9.60 8.75
N SER A 286 23.98 10.30 7.67
CA SER A 286 23.25 11.50 7.30
C SER A 286 23.07 11.49 5.79
N PRO A 287 22.05 12.21 5.27
CA PRO A 287 21.82 12.20 3.81
C PRO A 287 23.04 12.52 2.95
N ASP A 288 23.90 13.42 3.41
CA ASP A 288 24.99 13.97 2.63
C ASP A 288 26.30 13.23 2.84
N GLU A 289 26.35 12.24 3.73
CA GLU A 289 27.58 11.47 3.94
C GLU A 289 28.02 10.83 2.63
N VAL A 290 29.26 11.09 2.24
CA VAL A 290 29.83 10.44 1.07
C VAL A 290 30.29 9.06 1.47
N LEU A 291 29.82 8.03 0.76
CA LEU A 291 30.21 6.66 1.02
C LEU A 291 31.13 6.15 -0.08
N GLN A 292 31.64 4.95 0.13
CA GLN A 292 32.43 4.20 -0.84
C GLN A 292 31.73 2.86 -1.01
N VAL A 293 31.07 2.65 -2.13
CA VAL A 293 30.22 1.48 -2.28
C VAL A 293 30.79 0.60 -3.38
N PRO A 294 31.35 -0.57 -3.04
CA PRO A 294 31.77 -1.52 -4.08
C PRO A 294 30.59 -2.08 -4.86
N GLY A 295 30.91 -2.70 -5.98
CA GLY A 295 29.88 -3.34 -6.78
C GLY A 295 29.37 -4.64 -6.19
N SER A 296 30.03 -5.17 -5.17
CA SER A 296 29.51 -6.35 -4.52
C SER A 296 30.21 -6.51 -3.19
N ILE A 297 29.56 -7.24 -2.29
CA ILE A 297 30.18 -7.63 -1.04
C ILE A 297 29.77 -9.05 -0.68
N GLN A 298 30.62 -9.73 0.06
CA GLN A 298 30.26 -10.96 0.73
C GLN A 298 29.81 -10.61 2.14
N MET A 299 28.64 -11.10 2.51
CA MET A 299 28.07 -10.77 3.81
C MET A 299 27.26 -11.96 4.29
N GLY A 300 27.39 -12.27 5.58
CA GLY A 300 26.63 -13.38 6.15
C GLY A 300 26.73 -14.65 5.34
N GLY A 301 27.93 -14.93 4.82
CA GLY A 301 28.18 -16.08 3.99
C GLY A 301 27.73 -15.99 2.55
N VAL A 302 27.07 -14.91 2.13
CA VAL A 302 26.56 -14.81 0.77
C VAL A 302 27.12 -13.55 0.10
N THR A 303 26.93 -13.47 -1.22
CA THR A 303 27.46 -12.41 -2.07
C THR A 303 26.31 -11.60 -2.63
N VAL A 304 26.34 -10.29 -2.39
CA VAL A 304 25.27 -9.38 -2.81
C VAL A 304 25.81 -8.43 -3.86
N HIS A 305 25.08 -8.28 -4.96
CA HIS A 305 25.50 -7.48 -6.09
C HIS A 305 24.51 -6.36 -6.35
N ASP A 306 25.01 -5.24 -6.86
CA ASP A 306 24.12 -4.17 -7.30
C ASP A 306 23.60 -4.47 -8.72
N ALA A 307 22.40 -3.95 -9.01
CA ALA A 307 21.76 -4.24 -10.30
C ALA A 307 22.57 -3.78 -11.50
N TRP A 308 23.65 -3.03 -11.29
CA TRP A 308 24.58 -2.67 -12.34
C TRP A 308 25.99 -2.96 -11.84
N GLU A 309 26.88 -3.34 -12.74
CA GLU A 309 28.26 -3.52 -12.34
C GLU A 309 28.92 -2.14 -12.20
N HIS A 310 29.71 -1.98 -11.14
CA HIS A 310 30.44 -0.75 -10.93
C HIS A 310 31.58 -1.02 -9.95
N GLY A 311 32.63 -0.20 -10.06
CA GLY A 311 33.67 -0.17 -9.05
C GLY A 311 33.20 0.54 -7.80
N VAL A 312 34.16 0.99 -6.99
CA VAL A 312 33.77 1.70 -5.77
C VAL A 312 33.22 3.06 -6.16
N MET A 313 31.99 3.34 -5.72
CA MET A 313 31.35 4.55 -6.16
C MET A 313 31.13 5.50 -4.99
N PRO A 314 31.35 6.79 -5.20
CA PRO A 314 31.15 7.81 -4.16
C PRO A 314 29.68 8.20 -3.99
N TYR A 315 28.80 7.21 -3.83
CA TYR A 315 27.39 7.49 -3.58
C TYR A 315 27.23 8.12 -2.21
N THR A 316 26.46 9.20 -2.14
CA THR A 316 25.98 9.65 -0.86
C THR A 316 24.95 8.66 -0.33
N THR A 317 24.72 8.71 0.99
CA THR A 317 23.59 7.97 1.58
C THR A 317 22.30 8.28 0.83
N THR A 318 22.09 9.54 0.43
CA THR A 318 20.97 9.87 -0.45
C THR A 318 21.01 9.06 -1.74
N GLY A 319 22.20 8.91 -2.33
CA GLY A 319 22.32 8.15 -3.56
C GLY A 319 22.13 6.65 -3.37
N VAL A 320 22.52 6.11 -2.21
CA VAL A 320 22.31 4.69 -1.98
C VAL A 320 20.83 4.34 -2.11
N PHE A 321 19.95 5.19 -1.58
CA PHE A 321 18.53 4.89 -1.68
C PHE A 321 17.92 5.41 -2.98
N GLY A 322 18.42 6.55 -3.49
CA GLY A 322 17.90 7.07 -4.73
C GLY A 322 18.27 6.22 -5.92
N LYS A 323 19.45 5.59 -5.88
CA LYS A 323 19.87 4.69 -6.94
C LYS A 323 19.59 3.23 -6.60
N SER A 324 19.22 2.96 -5.35
CA SER A 324 18.88 1.62 -4.88
C SER A 324 20.07 0.66 -4.96
N SER A 325 21.20 1.09 -4.41
CA SER A 325 22.35 0.21 -4.22
C SER A 325 22.06 -0.82 -3.12
N ASN A 326 22.08 -2.11 -3.48
CA ASN A 326 21.96 -3.16 -2.47
C ASN A 326 23.19 -3.18 -1.56
N VAL A 327 24.38 -3.14 -2.16
CA VAL A 327 25.62 -3.12 -1.40
C VAL A 327 25.63 -1.95 -0.42
N GLY A 328 25.29 -0.75 -0.91
CA GLY A 328 25.23 0.41 -0.04
C GLY A 328 24.23 0.25 1.09
N THR A 329 23.05 -0.28 0.78
CA THR A 329 22.04 -0.50 1.82
C THR A 329 22.57 -1.45 2.89
N LEU A 330 23.29 -2.48 2.47
CA LEU A 330 23.77 -3.46 3.44
C LEU A 330 24.90 -2.90 4.29
N MET A 331 25.82 -2.15 3.69
CA MET A 331 26.87 -1.53 4.48
C MET A 331 26.29 -0.59 5.54
N LEU A 332 25.32 0.24 5.14
CA LEU A 332 24.65 1.08 6.14
C LEU A 332 23.92 0.23 7.16
N SER A 333 23.43 -0.94 6.75
CA SER A 333 22.71 -1.80 7.68
C SER A 333 23.65 -2.48 8.67
N GLN A 334 24.92 -2.68 8.28
CA GLN A 334 25.89 -3.22 9.23
C GLN A 334 26.12 -2.26 10.38
N ARG A 335 25.98 -0.94 10.13
CA ARG A 335 26.07 0.04 11.20
C ARG A 335 24.94 -0.14 12.20
N VAL A 336 23.75 -0.52 11.73
CA VAL A 336 22.60 -0.64 12.62
C VAL A 336 22.68 -1.92 13.46
N GLY A 337 23.13 -3.02 12.88
CA GLY A 337 23.10 -4.29 13.56
C GLY A 337 21.74 -4.99 13.48
N PRO A 338 21.75 -6.31 13.63
CA PRO A 338 20.47 -7.07 13.56
C PRO A 338 19.41 -6.62 14.56
N GLU A 339 19.77 -6.51 15.84
CA GLU A 339 18.78 -6.20 16.87
C GLU A 339 18.06 -4.89 16.58
N ARG A 340 18.81 -3.81 16.36
CA ARG A 340 18.15 -2.54 16.08
C ARG A 340 17.39 -2.57 14.75
N TYR A 341 17.88 -3.32 13.75
CA TYR A 341 17.16 -3.39 12.49
C TYR A 341 15.88 -4.21 12.64
N TYR A 342 15.98 -5.35 13.32
CA TYR A 342 14.79 -6.16 13.55
C TYR A 342 13.77 -5.42 14.39
N ASP A 343 14.24 -4.58 15.31
CA ASP A 343 13.31 -3.80 16.11
C ASP A 343 12.56 -2.81 15.24
N MET A 344 13.24 -2.23 14.25
CA MET A 344 12.60 -1.24 13.39
C MET A 344 11.57 -1.89 12.46
N LEU A 345 11.90 -3.06 11.88
CA LEU A 345 10.90 -3.88 11.19
C LEU A 345 9.62 -3.99 12.00
N ARG A 346 9.74 -4.47 13.25
CA ARG A 346 8.56 -4.72 14.07
C ARG A 346 7.81 -3.44 14.34
N LYS A 347 8.53 -2.37 14.66
CA LYS A 347 7.89 -1.08 14.87
C LYS A 347 7.19 -0.57 13.61
N PHE A 348 7.74 -0.88 12.44
CA PHE A 348 7.09 -0.51 11.20
C PHE A 348 5.82 -1.32 10.91
N GLY A 349 5.45 -2.30 11.74
CA GLY A 349 4.21 -3.01 11.58
C GLY A 349 4.29 -4.30 10.78
N LEU A 350 5.48 -4.71 10.34
CA LEU A 350 5.61 -5.90 9.51
C LEU A 350 5.52 -7.16 10.35
N GLY A 351 4.95 -8.20 9.73
CA GLY A 351 4.68 -9.47 10.36
C GLY A 351 3.39 -9.53 11.15
N GLN A 352 2.64 -8.44 11.22
CA GLN A 352 1.45 -8.41 12.05
C GLN A 352 0.32 -7.74 11.27
N ARG A 353 -0.88 -8.33 11.35
CA ARG A 353 -2.07 -7.69 10.80
C ARG A 353 -2.22 -6.29 11.37
N THR A 354 -2.78 -5.41 10.53
CA THR A 354 -3.03 -4.03 10.87
C THR A 354 -4.33 -3.82 11.64
N GLY A 355 -5.25 -4.78 11.59
CA GLY A 355 -6.57 -4.55 12.14
C GLY A 355 -7.42 -3.59 11.32
N VAL A 356 -7.20 -3.53 10.00
CA VAL A 356 -7.90 -2.54 9.16
C VAL A 356 -9.41 -2.73 9.18
N GLY A 357 -9.90 -3.91 9.52
CA GLY A 357 -11.32 -4.16 9.51
C GLY A 357 -11.83 -4.79 8.24
N LEU A 358 -10.99 -5.58 7.57
CA LEU A 358 -11.34 -6.27 6.35
C LEU A 358 -11.11 -7.76 6.52
N PRO A 359 -12.04 -8.59 6.07
CA PRO A 359 -11.85 -10.05 6.20
C PRO A 359 -10.64 -10.54 5.39
N GLY A 360 -10.07 -11.66 5.85
CA GLY A 360 -8.99 -12.29 5.10
C GLY A 360 -7.68 -11.56 5.07
N GLU A 361 -7.44 -10.63 5.98
CA GLU A 361 -6.14 -9.95 6.00
C GLU A 361 -5.03 -10.93 6.39
N SER A 362 -3.89 -10.85 5.70
CA SER A 362 -2.71 -11.64 6.02
C SER A 362 -1.78 -10.83 6.91
N ALA A 363 -1.02 -11.55 7.73
CA ALA A 363 -0.05 -10.92 8.61
C ALA A 363 1.30 -10.72 7.92
N GLY A 364 1.47 -11.27 6.73
CA GLY A 364 2.77 -11.29 6.13
C GLY A 364 3.65 -12.24 6.92
N LEU A 365 4.94 -11.97 6.90
CA LEU A 365 5.88 -12.97 7.38
C LEU A 365 7.26 -12.36 7.53
N VAL A 366 7.72 -12.23 8.77
CA VAL A 366 9.06 -11.76 9.11
C VAL A 366 9.71 -12.80 10.02
N PRO A 367 10.76 -13.48 9.57
CA PRO A 367 11.44 -14.44 10.45
C PRO A 367 11.93 -13.75 11.72
N PRO A 368 11.60 -14.30 12.88
CA PRO A 368 12.02 -13.65 14.12
C PRO A 368 13.53 -13.76 14.31
N ILE A 369 14.08 -12.82 15.09
CA ILE A 369 15.53 -12.64 15.09
C ILE A 369 16.25 -13.87 15.65
N ASP A 370 15.65 -14.56 16.63
CA ASP A 370 16.29 -15.76 17.17
C ASP A 370 16.28 -16.93 16.20
N GLN A 371 15.64 -16.81 15.05
CA GLN A 371 15.63 -17.86 14.04
C GLN A 371 16.39 -17.45 12.77
N TRP A 372 17.09 -16.32 12.80
CA TRP A 372 17.81 -15.92 11.61
C TRP A 372 18.92 -16.92 11.29
N SER A 373 19.17 -17.11 10.01
CA SER A 373 20.35 -17.85 9.59
C SER A 373 21.48 -16.85 9.35
N GLY A 374 22.67 -17.37 9.09
CA GLY A 374 23.83 -16.53 8.90
C GLY A 374 23.63 -15.50 7.81
N SER A 375 22.68 -15.75 6.91
CA SER A 375 22.45 -14.88 5.76
C SER A 375 21.13 -14.12 5.81
N THR A 376 20.35 -14.22 6.90
CA THR A 376 19.10 -13.47 6.97
C THR A 376 19.36 -11.96 6.88
N PHE A 377 20.34 -11.46 7.63
CA PHE A 377 20.62 -10.03 7.63
C PHE A 377 21.13 -9.53 6.28
N ALA A 378 21.74 -10.41 5.48
CA ALA A 378 22.12 -9.99 4.14
C ALA A 378 20.94 -9.87 3.20
N ASN A 379 19.75 -10.28 3.62
CA ASN A 379 18.61 -10.32 2.71
C ASN A 379 17.50 -9.37 3.10
N LEU A 380 17.15 -9.31 4.38
CA LEU A 380 16.01 -8.49 4.82
C LEU A 380 16.15 -7.01 4.48
N PRO A 381 17.27 -6.33 4.73
CA PRO A 381 17.32 -4.89 4.44
C PRO A 381 17.06 -4.56 2.99
N ILE A 382 17.31 -5.48 2.06
CA ILE A 382 16.98 -5.23 0.66
C ILE A 382 15.62 -5.83 0.28
N GLY A 383 14.85 -6.29 1.25
CA GLY A 383 13.50 -6.74 0.99
C GLY A 383 13.32 -8.15 0.47
N GLN A 384 14.26 -9.06 0.76
CA GLN A 384 14.09 -10.47 0.43
C GLN A 384 14.18 -11.28 1.72
N GLY A 385 13.42 -12.35 1.80
CA GLY A 385 13.40 -13.19 2.98
C GLY A 385 12.25 -12.91 3.92
N LEU A 386 11.37 -12.00 3.55
CA LEU A 386 10.20 -11.61 4.32
C LEU A 386 9.14 -11.22 3.33
N SER A 387 7.88 -11.27 3.76
CA SER A 387 6.78 -10.92 2.89
C SER A 387 5.84 -9.98 3.63
N MET A 388 5.14 -9.16 2.85
CA MET A 388 4.19 -8.22 3.41
C MET A 388 3.08 -7.98 2.40
N THR A 389 1.97 -7.48 2.92
CA THR A 389 0.86 -7.10 2.09
C THR A 389 1.08 -5.68 1.56
N LEU A 390 0.33 -5.35 0.50
CA LEU A 390 0.38 -4.00 -0.03
C LEU A 390 -0.01 -2.98 1.03
N LEU A 391 -0.97 -3.34 1.89
CA LEU A 391 -1.42 -2.41 2.92
C LEU A 391 -0.33 -2.17 3.95
N GLN A 392 0.33 -3.24 4.42
CA GLN A 392 1.48 -3.09 5.30
C GLN A 392 2.59 -2.28 4.63
N MET A 393 2.75 -2.45 3.31
CA MET A 393 3.80 -1.73 2.61
C MET A 393 3.49 -0.25 2.62
N THR A 394 2.24 0.11 2.31
CA THR A 394 1.85 1.50 2.31
C THR A 394 1.85 2.06 3.73
N GLY A 395 1.51 1.26 4.73
CA GLY A 395 1.53 1.74 6.10
C GLY A 395 2.91 2.12 6.59
N MET A 396 3.96 1.45 6.08
CA MET A 396 5.32 1.88 6.43
C MET A 396 5.57 3.30 5.97
N TYR A 397 5.10 3.64 4.77
CA TYR A 397 5.33 4.98 4.26
C TYR A 397 4.40 5.99 4.92
N GLN A 398 3.26 5.54 5.43
CA GLN A 398 2.40 6.39 6.23
C GLN A 398 3.09 6.85 7.49
N ALA A 399 3.81 5.95 8.16
CA ALA A 399 4.55 6.34 9.37
C ALA A 399 5.50 7.49 9.06
N ILE A 400 6.24 7.38 7.95
CA ILE A 400 7.21 8.39 7.58
C ILE A 400 6.51 9.67 7.17
N ALA A 401 5.38 9.56 6.46
CA ALA A 401 4.60 10.73 6.10
C ALA A 401 4.06 11.44 7.33
N ASN A 402 3.70 10.69 8.37
CA ASN A 402 3.09 11.25 9.58
C ASN A 402 4.13 11.59 10.63
N ASP A 403 5.28 12.10 10.17
CA ASP A 403 6.35 12.59 11.03
C ASP A 403 6.81 11.50 12.00
N GLY A 404 6.91 10.28 11.50
CA GLY A 404 7.46 9.18 12.24
C GLY A 404 6.48 8.44 13.10
N VAL A 405 5.22 8.86 13.11
CA VAL A 405 4.18 8.24 13.92
C VAL A 405 3.30 7.41 13.00
N ARG A 406 3.32 6.10 13.20
CA ARG A 406 2.52 5.19 12.40
C ARG A 406 1.13 5.05 13.02
N VAL A 407 0.11 5.32 12.23
CA VAL A 407 -1.28 5.13 12.60
C VAL A 407 -1.80 3.95 11.78
N PRO A 408 -2.09 2.82 12.41
CA PRO A 408 -2.54 1.65 11.66
C PRO A 408 -3.75 1.98 10.80
N PRO A 409 -3.73 1.54 9.55
CA PRO A 409 -4.81 1.90 8.63
C PRO A 409 -6.14 1.28 9.05
N ARG A 410 -7.21 1.96 8.66
CA ARG A 410 -8.58 1.63 9.00
C ARG A 410 -9.45 1.94 7.80
N ILE A 411 -10.41 1.07 7.51
CA ILE A 411 -11.37 1.32 6.43
C ILE A 411 -12.77 1.61 6.96
N ILE A 412 -13.08 1.23 8.19
CA ILE A 412 -14.41 1.51 8.74
C ILE A 412 -14.32 2.83 9.48
N LYS A 413 -15.09 3.80 9.03
CA LYS A 413 -15.04 5.17 9.53
C LYS A 413 -16.01 5.38 10.70
N ALA A 414 -17.23 4.87 10.56
CA ALA A 414 -18.30 5.07 11.54
C ALA A 414 -19.46 4.17 11.16
N THR A 415 -20.41 4.05 12.07
CA THR A 415 -21.68 3.36 11.82
C THR A 415 -22.82 4.26 12.24
N VAL A 416 -23.90 4.26 11.46
CA VAL A 416 -25.10 5.04 11.73
C VAL A 416 -26.21 4.09 12.14
N ALA A 417 -26.82 4.34 13.28
CA ALA A 417 -27.89 3.50 13.78
C ALA A 417 -29.20 3.82 13.06
N PRO A 418 -30.17 2.91 13.12
CA PRO A 418 -31.44 3.17 12.41
C PRO A 418 -32.12 4.50 12.75
N ASP A 419 -32.00 4.99 13.98
CA ASP A 419 -32.56 6.31 14.27
C ASP A 419 -31.86 7.40 13.47
N GLY A 420 -30.57 7.23 13.18
CA GLY A 420 -29.77 8.26 12.56
C GLY A 420 -28.59 8.70 13.40
N SER A 421 -28.44 8.20 14.62
CA SER A 421 -27.31 8.60 15.45
C SER A 421 -26.02 7.96 14.93
N ARG A 422 -24.97 8.75 14.91
CA ARG A 422 -23.70 8.33 14.33
C ARG A 422 -22.69 8.06 15.44
N THR A 423 -21.98 6.94 15.33
CA THR A 423 -20.85 6.64 16.19
C THR A 423 -19.60 6.52 15.32
N GLU A 424 -18.61 7.36 15.59
CA GLU A 424 -17.34 7.28 14.89
C GLU A 424 -16.58 6.04 15.33
N GLU A 425 -15.88 5.40 14.39
CA GLU A 425 -15.04 4.26 14.74
C GLU A 425 -13.89 4.71 15.65
N PRO A 426 -13.51 3.90 16.64
CA PRO A 426 -12.40 4.28 17.53
C PRO A 426 -11.06 4.29 16.79
N ARG A 427 -10.31 5.37 16.96
CA ARG A 427 -9.02 5.51 16.31
C ARG A 427 -7.99 4.58 16.96
N PRO A 428 -7.15 3.93 16.16
CA PRO A 428 -6.09 3.11 16.75
C PRO A 428 -5.01 4.00 17.34
N ASP A 429 -4.29 3.44 18.32
CA ASP A 429 -3.28 4.22 18.98
C ASP A 429 -2.09 4.46 18.07
N ASP A 430 -1.53 5.66 18.19
CA ASP A 430 -0.27 6.02 17.60
C ASP A 430 0.82 5.03 17.97
N ILE A 431 1.72 4.77 17.02
CA ILE A 431 2.97 4.05 17.27
C ILE A 431 4.13 4.92 16.78
N ARG A 432 5.05 5.25 17.69
CA ARG A 432 6.20 6.08 17.35
C ARG A 432 7.28 5.19 16.75
N VAL A 433 7.46 5.28 15.43
CA VAL A 433 8.53 4.51 14.77
C VAL A 433 9.84 5.28 14.79
N VAL A 434 9.82 6.55 14.39
CA VAL A 434 11.01 7.39 14.38
C VAL A 434 10.60 8.82 14.76
N SER A 435 11.60 9.63 15.12
CA SER A 435 11.30 11.01 15.47
C SER A 435 10.72 11.75 14.27
N ALA A 436 10.10 12.90 14.52
CA ALA A 436 9.68 13.77 13.43
C ALA A 436 10.87 14.22 12.60
N GLN A 437 11.99 14.54 13.27
CA GLN A 437 13.17 14.98 12.53
C GLN A 437 13.67 13.89 11.60
N THR A 438 13.64 12.64 12.06
CA THR A 438 14.04 11.53 11.20
C THR A 438 13.12 11.41 10.00
N ALA A 439 11.80 11.45 10.26
CA ALA A 439 10.83 11.29 9.18
C ALA A 439 11.00 12.36 8.12
N GLN A 440 11.15 13.62 8.54
CA GLN A 440 11.35 14.71 7.59
C GLN A 440 12.62 14.51 6.76
N THR A 441 13.67 14.00 7.38
CA THR A 441 14.92 13.79 6.67
C THR A 441 14.79 12.64 5.67
N VAL A 442 14.05 11.59 6.04
CA VAL A 442 13.84 10.48 5.11
C VAL A 442 12.89 10.89 3.98
N ARG A 443 11.88 11.70 4.28
CA ARG A 443 11.01 12.19 3.21
C ARG A 443 11.83 12.91 2.16
N GLN A 444 12.79 13.73 2.60
CA GLN A 444 13.55 14.54 1.68
C GLN A 444 14.56 13.70 0.90
N MET A 445 15.24 12.75 1.57
CA MET A 445 16.13 11.84 0.86
C MET A 445 15.39 11.15 -0.28
N LEU A 446 14.18 10.68 0.00
CA LEU A 446 13.43 9.91 -0.99
C LEU A 446 12.99 10.73 -2.18
N ARG A 447 13.06 12.07 -2.10
CA ARG A 447 12.90 12.88 -3.31
C ARG A 447 13.94 12.55 -4.36
N ALA A 448 15.08 11.98 -3.94
CA ALA A 448 16.11 11.62 -4.90
C ALA A 448 15.63 10.52 -5.84
N VAL A 449 14.70 9.69 -5.40
CA VAL A 449 14.24 8.58 -6.23
C VAL A 449 13.53 9.09 -7.48
N VAL A 450 12.89 10.25 -7.39
CA VAL A 450 12.18 10.81 -8.54
C VAL A 450 12.98 11.92 -9.21
N GLN A 451 14.23 12.14 -8.79
CA GLN A 451 15.01 13.23 -9.38
C GLN A 451 15.54 12.83 -10.77
N ARG A 452 15.40 13.75 -11.71
CA ARG A 452 15.79 13.52 -13.08
C ARG A 452 17.12 14.22 -13.33
N ASP A 453 18.02 13.55 -14.05
CA ASP A 453 19.30 14.12 -14.45
C ASP A 453 19.66 13.63 -15.84
N PRO A 454 19.72 14.52 -16.82
CA PRO A 454 20.12 14.11 -18.18
C PRO A 454 21.50 13.48 -18.24
N MET A 455 22.41 13.88 -17.36
CA MET A 455 23.73 13.26 -17.27
C MET A 455 23.70 11.92 -16.58
N GLY A 456 22.56 11.47 -16.08
CA GLY A 456 22.47 10.20 -15.40
C GLY A 456 23.00 10.24 -13.98
N TYR A 457 24.00 11.10 -13.75
CA TYR A 457 24.79 11.04 -12.52
C TYR A 457 23.93 11.20 -11.28
N GLN A 458 23.03 12.18 -11.29
CA GLN A 458 22.22 12.49 -10.13
C GLN A 458 20.76 12.13 -10.38
N GLN A 459 20.51 11.05 -11.12
CA GLN A 459 19.16 10.57 -11.40
C GLN A 459 18.86 9.34 -10.54
N GLY A 460 17.66 9.31 -9.96
CA GLY A 460 17.18 8.17 -9.21
C GLY A 460 16.55 7.12 -10.12
N THR A 461 16.01 6.08 -9.50
CA THR A 461 15.45 4.96 -10.24
C THR A 461 14.04 5.24 -10.76
N GLY A 462 13.36 6.28 -10.26
CA GLY A 462 11.97 6.50 -10.59
C GLY A 462 11.67 7.93 -11.02
N PRO A 463 12.44 8.45 -11.99
CA PRO A 463 12.23 9.85 -12.38
C PRO A 463 10.85 10.09 -12.99
N THR A 464 10.27 9.12 -13.69
CA THR A 464 8.91 9.27 -14.20
C THR A 464 7.88 9.37 -13.07
N ALA A 465 8.25 9.13 -11.82
CA ALA A 465 7.29 9.28 -10.76
C ALA A 465 7.18 10.72 -10.27
N GLY A 466 8.20 11.54 -10.53
CA GLY A 466 8.14 12.93 -10.10
C GLY A 466 7.02 13.66 -10.79
N VAL A 467 6.45 14.63 -10.09
CA VAL A 467 5.46 15.51 -10.70
C VAL A 467 5.98 16.93 -10.53
N PRO A 468 6.33 17.60 -11.62
CA PRO A 468 6.95 18.93 -11.52
C PRO A 468 6.09 19.89 -10.74
N GLY A 469 6.73 20.70 -9.91
CA GLY A 469 6.05 21.61 -9.02
C GLY A 469 5.67 21.02 -7.69
N TYR A 470 6.01 19.77 -7.43
CA TYR A 470 5.69 19.11 -6.17
C TYR A 470 6.89 18.30 -5.66
N GLN A 471 7.08 18.34 -4.35
CA GLN A 471 8.11 17.55 -3.70
C GLN A 471 7.63 16.10 -3.51
N MET A 472 7.44 15.41 -4.64
CA MET A 472 7.15 13.99 -4.58
C MET A 472 8.34 13.22 -4.01
N ALA A 473 8.04 12.14 -3.30
CA ALA A 473 9.08 11.34 -2.65
C ALA A 473 8.59 9.90 -2.67
N GLY A 474 9.45 8.98 -3.08
CA GLY A 474 9.05 7.59 -3.12
C GLY A 474 10.24 6.67 -3.14
N LYS A 475 9.96 5.39 -3.39
CA LYS A 475 10.99 4.38 -3.52
C LYS A 475 10.46 3.27 -4.42
N THR A 476 11.28 2.85 -5.38
CA THR A 476 10.97 1.74 -6.27
C THR A 476 11.36 0.43 -5.63
N GLY A 477 10.84 -0.67 -6.18
CA GLY A 477 11.34 -1.99 -5.84
C GLY A 477 11.18 -2.98 -6.97
N THR A 478 12.08 -3.97 -6.99
CA THR A 478 12.06 -5.08 -7.94
C THR A 478 12.52 -6.31 -7.15
N ALA A 479 11.57 -7.12 -6.70
CA ALA A 479 11.86 -8.29 -5.90
C ALA A 479 11.67 -9.55 -6.74
N GLN A 480 12.55 -10.53 -6.55
CA GLN A 480 12.42 -11.77 -7.30
C GLN A 480 11.40 -12.69 -6.65
N GLN A 481 10.57 -13.31 -7.47
CA GLN A 481 9.56 -14.24 -6.97
C GLN A 481 10.17 -15.64 -6.87
N ILE A 482 9.57 -16.46 -6.02
CA ILE A 482 10.06 -17.82 -5.79
C ILE A 482 9.49 -18.76 -6.85
N ASN A 483 10.35 -19.57 -7.45
CA ASN A 483 9.98 -20.61 -8.39
C ASN A 483 9.29 -21.74 -7.66
N PRO A 484 7.98 -21.95 -7.85
CA PRO A 484 7.27 -22.97 -7.05
C PRO A 484 7.81 -24.38 -7.23
N GLY A 485 8.30 -24.72 -8.42
CA GLY A 485 8.80 -26.05 -8.67
C GLY A 485 10.28 -26.23 -8.37
N CYS A 486 10.83 -25.33 -7.56
CA CYS A 486 12.27 -25.32 -7.30
C CYS A 486 12.63 -25.04 -5.85
N GLY A 487 11.85 -24.27 -5.11
CA GLY A 487 12.31 -23.74 -3.84
C GLY A 487 13.45 -22.77 -4.00
N CYS A 488 13.43 -21.97 -5.06
CA CYS A 488 14.51 -21.03 -5.35
C CYS A 488 13.92 -19.86 -6.13
N TYR A 489 14.67 -18.76 -6.18
CA TYR A 489 14.17 -17.57 -6.84
C TYR A 489 14.17 -17.74 -8.35
N PHE A 490 13.14 -17.20 -9.01
CA PHE A 490 13.23 -16.95 -10.43
C PHE A 490 14.33 -15.95 -10.70
N ASP A 491 14.86 -15.98 -11.93
CA ASP A 491 15.78 -14.95 -12.37
C ASP A 491 15.08 -13.76 -12.98
N ASP A 492 13.96 -13.97 -13.68
CA ASP A 492 13.34 -12.89 -14.42
C ASP A 492 11.83 -12.79 -14.18
N VAL A 493 11.37 -13.20 -12.99
CA VAL A 493 9.98 -13.01 -12.57
C VAL A 493 9.99 -12.14 -11.32
N TYR A 494 9.30 -11.00 -11.39
CA TYR A 494 9.44 -10.00 -10.33
C TYR A 494 8.09 -9.52 -9.83
N TRP A 495 8.07 -9.10 -8.56
CA TRP A 495 7.08 -8.15 -8.08
C TRP A 495 7.68 -6.78 -8.25
N ILE A 496 7.03 -5.93 -9.07
CA ILE A 496 7.39 -4.51 -9.14
C ILE A 496 6.54 -3.76 -8.13
N THR A 497 7.12 -2.74 -7.54
CA THR A 497 6.51 -2.13 -6.39
C THR A 497 6.95 -0.67 -6.34
N PHE A 498 6.01 0.23 -6.03
CA PHE A 498 6.31 1.63 -5.79
C PHE A 498 5.50 2.09 -4.57
N ALA A 499 6.11 2.97 -3.78
CA ALA A 499 5.43 3.56 -2.63
C ALA A 499 5.89 5.00 -2.52
N GLY A 500 4.95 5.91 -2.33
CA GLY A 500 5.33 7.31 -2.35
C GLY A 500 4.46 8.14 -1.45
N ILE A 501 4.95 9.34 -1.18
CA ILE A 501 4.28 10.32 -0.33
C ILE A 501 4.05 11.58 -1.14
N ALA A 502 2.86 12.13 -1.05
CA ALA A 502 2.53 13.39 -1.68
C ALA A 502 2.05 14.39 -0.60
N THR A 503 2.86 15.38 -0.24
CA THR A 503 4.23 15.60 -0.72
C THR A 503 5.19 15.49 0.45
N ALA A 504 6.50 15.59 0.18
CA ALA A 504 7.49 15.52 1.25
C ALA A 504 7.31 16.66 2.25
N ASP A 505 7.21 17.88 1.75
CA ASP A 505 7.10 19.05 2.60
C ASP A 505 5.72 19.18 3.22
N ASN A 506 4.71 18.54 2.65
CA ASN A 506 3.35 18.58 3.19
C ASN A 506 2.63 17.27 2.85
N PRO A 507 2.86 16.22 3.63
CA PRO A 507 2.26 14.92 3.33
C PRO A 507 0.74 14.92 3.43
N ARG A 508 0.08 14.60 2.34
CA ARG A 508 -1.37 14.40 2.39
C ARG A 508 -1.79 12.99 2.03
N TYR A 509 -1.09 12.35 1.10
CA TYR A 509 -1.50 11.07 0.57
C TYR A 509 -0.31 10.12 0.52
N VAL A 510 -0.55 8.87 0.84
CA VAL A 510 0.45 7.81 0.78
C VAL A 510 -0.05 6.80 -0.24
N ILE A 511 0.80 6.48 -1.21
CA ILE A 511 0.36 5.64 -2.31
C ILE A 511 1.29 4.45 -2.44
N GLY A 512 0.70 3.26 -2.45
CA GLY A 512 1.47 2.03 -2.59
C GLY A 512 0.95 1.20 -3.74
N ILE A 513 1.86 0.72 -4.58
CA ILE A 513 1.54 0.06 -5.83
C ILE A 513 2.33 -1.22 -5.96
N MET A 514 1.67 -2.31 -6.35
CA MET A 514 2.42 -3.49 -6.77
C MET A 514 1.93 -4.03 -8.11
N LEU A 515 2.88 -4.37 -8.99
CA LEU A 515 2.63 -5.02 -10.26
C LEU A 515 3.21 -6.42 -10.21
N ASP A 516 2.38 -7.42 -10.46
CA ASP A 516 2.84 -8.80 -10.51
C ASP A 516 3.42 -9.09 -11.89
N ASN A 517 4.75 -8.98 -12.01
CA ASN A 517 5.56 -9.39 -13.15
C ASN A 517 5.10 -8.78 -14.47
N PRO A 518 5.19 -7.48 -14.63
CA PRO A 518 4.85 -6.87 -15.92
C PRO A 518 5.94 -7.10 -16.97
N ALA A 519 5.50 -7.15 -18.23
CA ALA A 519 6.43 -7.09 -19.36
C ALA A 519 6.83 -5.65 -19.71
N ARG A 520 6.08 -4.66 -19.22
CA ARG A 520 6.30 -3.27 -19.61
C ARG A 520 6.00 -2.39 -18.40
N ASN A 521 6.33 -1.10 -18.53
CA ASN A 521 5.91 -0.06 -17.60
C ASN A 521 4.41 -0.12 -17.36
N SER A 522 3.94 0.48 -16.26
CA SER A 522 2.50 0.58 -16.04
C SER A 522 1.82 1.42 -17.11
N ASP A 523 2.54 2.30 -17.81
CA ASP A 523 1.93 3.11 -18.85
C ASP A 523 2.15 2.53 -20.25
N GLY A 524 2.81 1.37 -20.37
CA GLY A 524 2.97 0.70 -21.63
C GLY A 524 4.30 0.93 -22.31
N ALA A 525 5.09 1.90 -21.86
CA ALA A 525 6.46 2.08 -22.30
C ALA A 525 7.31 0.88 -21.90
N PRO A 526 8.45 0.65 -22.57
CA PRO A 526 9.25 -0.53 -22.24
C PRO A 526 9.98 -0.34 -20.94
N GLY A 527 10.19 -1.46 -20.24
CA GLY A 527 10.75 -1.43 -18.91
C GLY A 527 9.87 -2.25 -17.99
N HIS A 528 9.96 -1.95 -16.69
CA HIS A 528 9.23 -2.75 -15.71
C HIS A 528 8.81 -1.92 -14.50
N SER A 529 8.59 -0.64 -14.67
CA SER A 529 8.46 0.26 -13.55
C SER A 529 7.00 0.54 -13.22
N ALA A 530 6.72 0.68 -11.92
CA ALA A 530 5.45 1.17 -11.43
C ALA A 530 5.45 2.67 -11.23
N ALA A 531 6.60 3.32 -11.41
CA ALA A 531 6.68 4.77 -11.24
C ALA A 531 5.67 5.56 -12.10
N PRO A 532 5.36 5.20 -13.35
CA PRO A 532 4.37 6.00 -14.09
C PRO A 532 3.00 5.99 -13.46
N LEU A 533 2.64 4.90 -12.79
CA LEU A 533 1.31 4.87 -12.16
C LEU A 533 1.27 5.74 -10.91
N PHE A 534 2.36 5.79 -10.13
CA PHE A 534 2.40 6.73 -9.03
C PHE A 534 2.30 8.16 -9.56
N HIS A 535 2.97 8.43 -10.67
CA HIS A 535 2.88 9.74 -11.32
C HIS A 535 1.44 10.11 -11.66
N ASN A 536 0.70 9.21 -12.30
CA ASN A 536 -0.67 9.47 -12.67
C ASN A 536 -1.52 9.79 -11.45
N ILE A 537 -1.47 8.93 -10.43
CA ILE A 537 -2.38 9.05 -9.29
C ILE A 537 -2.03 10.24 -8.41
N ALA A 538 -0.74 10.40 -8.09
CA ALA A 538 -0.32 11.51 -7.25
C ALA A 538 -0.59 12.85 -7.93
N GLY A 539 -0.32 12.93 -9.24
CA GLY A 539 -0.54 14.18 -9.93
C GLY A 539 -2.00 14.55 -9.92
N TRP A 540 -2.86 13.56 -10.12
CA TRP A 540 -4.30 13.79 -10.16
C TRP A 540 -4.81 14.21 -8.79
N LEU A 541 -4.28 13.60 -7.73
CA LEU A 541 -4.66 13.98 -6.38
C LEU A 541 -4.29 15.43 -6.09
N MET A 542 -3.17 15.91 -6.64
CA MET A 542 -2.78 17.30 -6.41
C MET A 542 -3.65 18.27 -7.19
N GLN A 543 -3.91 17.96 -8.46
CA GLN A 543 -4.76 18.81 -9.29
C GLN A 543 -6.14 18.99 -8.65
N ARG A 544 -6.80 17.89 -8.30
CA ARG A 544 -8.20 17.93 -7.87
C ARG A 544 -8.40 18.66 -6.56
N GLU A 545 -7.37 18.78 -5.74
CA GLU A 545 -7.44 19.60 -4.53
C GLU A 545 -6.83 20.97 -4.72
N ASN A 546 -6.42 21.30 -5.95
CA ASN A 546 -5.78 22.58 -6.25
C ASN A 546 -4.65 22.86 -5.27
N VAL A 547 -3.90 21.82 -4.94
CA VAL A 547 -2.75 22.00 -4.05
C VAL A 547 -1.72 22.86 -4.76
N PRO A 548 -1.19 23.90 -4.12
CA PRO A 548 -0.32 24.84 -4.83
C PRO A 548 1.03 24.23 -5.22
N LEU A 549 1.52 24.63 -6.39
CA LEU A 549 2.87 24.27 -6.82
C LEU A 549 3.93 24.89 -5.92
N SER A 550 5.18 24.70 -6.28
CA SER A 550 6.29 25.38 -5.64
C SER A 550 7.21 25.84 -6.76
N PRO A 551 7.39 27.15 -6.95
CA PRO A 551 8.28 27.62 -8.03
C PRO A 551 9.71 27.10 -7.92
N ASP A 552 10.31 27.09 -6.70
CA ASP A 552 11.64 26.50 -6.61
C ASP A 552 11.55 25.11 -6.00
N PRO A 553 12.18 24.10 -6.62
CA PRO A 553 12.20 22.76 -6.02
C PRO A 553 13.27 22.58 -4.94
N GLY A 554 14.00 23.64 -4.60
CA GLY A 554 15.28 23.51 -3.94
C GLY A 554 16.33 23.18 -4.98
N PRO A 555 17.60 23.18 -4.60
CA PRO A 555 18.66 22.76 -5.52
C PRO A 555 18.64 21.25 -5.69
N PRO A 556 19.18 20.71 -6.79
CA PRO A 556 19.18 19.25 -6.96
C PRO A 556 19.88 18.56 -5.81
N LEU A 557 19.42 17.35 -5.50
CA LEU A 557 20.07 16.54 -4.49
C LEU A 557 21.26 15.81 -5.07
N VAL A 558 22.28 15.59 -4.25
CA VAL A 558 23.49 14.91 -4.68
C VAL A 558 23.37 13.44 -4.30
N LEU A 559 23.29 12.58 -5.30
CA LEU A 559 23.30 11.13 -5.13
C LEU A 559 24.70 10.56 -5.26
N GLN A 560 25.53 11.22 -6.06
CA GLN A 560 26.86 10.75 -6.42
C GLN A 560 27.82 11.91 -6.23
N ALA A 561 28.85 11.71 -5.41
CA ALA A 561 29.86 12.73 -5.18
C ALA A 561 30.91 12.71 -6.29
N THR A 562 32.19 12.76 -5.92
CA THR A 562 33.29 12.68 -6.89
C THR A 562 34.18 11.50 -6.55
CO CO B . 2.32 13.72 -16.34
CO CO C . 13.20 -6.57 -19.40
CO CO D . -40.70 -12.29 24.13
C8 AIX E . 16.11 -7.15 -11.28
C5 AIX E . 17.00 -7.23 -9.04
C6 AIX E . 16.77 -2.10 -8.98
N1 AIX E . 16.54 -5.28 -6.61
C2 AIX E . 14.62 -0.92 -8.22
N3 AIX E . 16.11 -1.98 -6.61
C4 AIX E . 16.81 -7.50 -7.56
C1 AIX E . 17.40 -0.75 -9.29
C3 AIX E . 17.34 -6.35 -6.69
C7 AIX E . 15.95 -7.43 -9.93
C9 AIX E . 17.30 -6.65 -11.76
C10 AIX E . 18.34 -6.46 -10.88
C11 AIX E . 18.20 -6.75 -9.54
C12 AIX E . 15.57 -2.06 -7.98
C13 AIX E . 17.26 -2.84 -6.43
C14 AIX E . 16.75 -4.14 -5.73
C15 AIX E . 15.46 -3.70 -4.95
C16 AIX E . 16.35 -2.82 -10.27
N2 AIX E . 17.38 -8.80 -7.18
O1 AIX E . 14.80 0.04 -7.35
O2 AIX E . 13.77 -0.88 -9.11
O3 AIX E . 18.42 -6.43 -6.11
O4 AIX E . 14.36 -3.79 -5.44
S1 AIX E . 17.99 -3.15 -8.09
#